data_9E73
#
_entry.id   9E73
#
_cell.length_a   1.00
_cell.length_b   1.00
_cell.length_c   1.00
_cell.angle_alpha   90.00
_cell.angle_beta   90.00
_cell.angle_gamma   90.00
#
_symmetry.space_group_name_H-M   'P 1'
#
_entity_poly.entity_id   1
_entity_poly.type   'polyribonucleotide'
_entity_poly.pdbx_seq_one_letter_code
;UUAAGUUAGGUUUGUGGUUGAAAGUCGAUGCCAGUCGCAGGCAAAACGAUCCACGUAAGUUAAACAAAGUUUUAAUGAGC
AUGGUGCGGCUUAGAAGUAAGUCCUGCCGCUUUAGGCGAGAGUAUUAGUAGUGAGAGGGUAAUUCCGGGUAGCGAAACUU
CCAGCAGGCGAGUGUGGGGUCAAAGACCAGGUCAACUAACUUAA
;
_entity_poly.pdbx_strand_id   A
#
loop_
_chem_comp.id
_chem_comp.type
_chem_comp.name
_chem_comp.formula
A RNA linking ADENOSINE-5'-MONOPHOSPHATE 'C10 H14 N5 O7 P'
C RNA linking CYTIDINE-5'-MONOPHOSPHATE 'C9 H14 N3 O8 P'
G RNA linking GUANOSINE-5'-MONOPHOSPHATE 'C10 H14 N5 O8 P'
U RNA linking URIDINE-5'-MONOPHOSPHATE 'C9 H13 N2 O9 P'
#